data_6M0B
#
_entry.id   6M0B
#
loop_
_entity.id
_entity.type
_entity.pdbx_description
1 polymer "DNA (5'-D(*CP*TP*TP*GP*CP*GP*TP*G)-3')"
2 non-polymer 'SODIUM ION'
#
_entity_poly.entity_id   1
_entity_poly.type   'polydeoxyribonucleotide'
_entity_poly.pdbx_seq_one_letter_code
;(DC)(DT)(DT)(DG)(DC)(DG)(DT)(DG)
;
_entity_poly.pdbx_strand_id   A
#
loop_
_chem_comp.id
_chem_comp.type
_chem_comp.name
_chem_comp.formula
DC DNA linking 2'-DEOXYCYTIDINE-5'-MONOPHOSPHATE 'C9 H14 N3 O7 P'
DG DNA linking 2'-DEOXYGUANOSINE-5'-MONOPHOSPHATE 'C10 H14 N5 O7 P'
DT DNA linking THYMIDINE-5'-MONOPHOSPHATE 'C10 H15 N2 O8 P'
NA non-polymer 'SODIUM ION' 'Na 1'
#
# COMPACT_ATOMS: atom_id res chain seq x y z
NA NA B . 1.59 7.62 3.60
NA NA C . -6.89 -3.68 2.89
NA NA D . 10.00 -4.87 -2.51
NA NA E . -3.15 -9.92 1.88
NA NA F . -6.80 1.79 -0.71
NA NA G . 4.43 5.45 -2.10
NA NA H . 1.18 1.23 -2.30
NA NA B . 2.33 7.85 4.42
NA NA C . -6.81 -3.86 2.97
NA NA D . 10.05 -4.94 -2.44
NA NA E . -3.04 -10.22 2.38
NA NA F . -6.48 7.68 0.71
NA NA G . 3.99 5.57 -1.66
NA NA H . 1.17 0.37 -2.22
NA NA B . 0.05 9.49 1.58
NA NA C . -6.96 -3.79 2.91
NA NA D . 10.53 -5.48 -1.61
NA NA E . -3.36 -9.92 2.08
NA NA F . -6.96 1.70 -0.61
NA NA G . 5.17 5.50 -1.90
NA NA H . 1.74 1.82 -2.45
NA NA B . 2.72 7.72 4.61
NA NA C . -6.94 -3.83 2.80
NA NA D . 9.69 -4.97 -2.99
NA NA E . -3.41 -10.17 2.76
NA NA F . -6.41 5.88 -1.59
NA NA G . 4.16 5.59 -1.40
NA NA H . 1.07 0.67 -2.00
NA NA B . 2.53 8.45 3.35
NA NA C . -6.99 -3.83 2.83
NA NA D . 9.97 -4.64 -2.72
NA NA E . -2.98 -9.87 1.89
NA NA F . -6.83 1.49 -0.88
NA NA G . 4.54 5.48 -2.12
NA NA H . 1.38 1.05 -1.87
NA NA B . 1.55 7.47 4.20
NA NA C . -6.89 -3.89 2.81
NA NA D . 10.18 -4.42 -2.58
NA NA E . -3.06 -10.18 2.55
NA NA F . -6.94 5.54 -0.96
NA NA G . 3.82 5.52 -1.78
NA NA H . 1.23 0.42 -2.36
NA NA B . -0.27 9.53 1.45
NA NA C . -6.94 -3.73 2.84
NA NA D . 9.76 -5.55 -2.43
NA NA E . -3.12 -9.86 1.90
NA NA F . -6.86 1.72 -0.71
NA NA G . 4.63 5.43 -2.20
NA NA H . 1.30 1.44 -2.31
NA NA B . -4.15 6.83 -1.08
NA NA C . -6.91 -3.73 3.07
NA NA D . 10.39 -5.63 -1.61
NA NA E . -3.05 -9.59 1.16
NA NA F . -7.09 1.74 -0.34
NA NA G . 5.06 5.85 -1.99
NA NA H . 2.24 2.97 -2.94
NA NA B . 1.47 7.88 3.66
NA NA C . -6.87 -3.75 2.68
NA NA D . 10.25 -4.60 -2.30
NA NA E . -3.20 -10.03 2.17
NA NA F . -6.47 1.82 -0.87
NA NA G . 4.55 5.75 -1.92
NA NA H . 1.64 0.71 -2.70
NA NA B . 1.06 7.35 3.22
NA NA C . -7.05 -4.00 2.71
NA NA D . 10.21 -4.76 -2.38
NA NA E . -3.22 -10.05 2.02
NA NA F . -6.59 1.66 -0.87
NA NA G . 4.42 5.70 -2.48
NA NA H . 2.57 0.84 -2.74
NA NA B . 1.27 7.57 2.58
NA NA C . -6.89 -3.69 2.93
NA NA D . 10.23 -4.97 -2.14
NA NA E . -3.07 -9.70 1.46
NA NA F . -6.97 1.85 -0.45
NA NA G . 4.40 5.39 -3.15
NA NA H . 1.32 1.56 -2.26
NA NA B . -0.01 9.42 1.41
NA NA C . -7.00 -3.72 3.07
NA NA D . 10.78 -4.79 -1.62
NA NA E . -3.08 -9.68 1.45
NA NA F . -7.14 1.71 -0.44
NA NA G . 4.57 5.21 -2.66
NA NA H . 1.49 1.35 -1.90
NA NA B . 1.93 7.68 4.12
NA NA C . -9.02 -0.63 -2.21
NA NA D . 10.08 -4.45 -2.66
NA NA E . -2.85 -9.91 1.80
NA NA F . -6.82 7.48 1.55
NA NA G . 3.43 5.38 -1.99
NA NA H . 1.48 -0.34 -2.73
NA NA B . -0.25 9.36 1.37
NA NA C . -6.96 -3.64 3.16
NA NA D . 10.65 -4.22 -2.21
NA NA E . -3.19 -9.77 1.84
NA NA F . -7.02 1.66 -0.65
NA NA G . 5.04 5.35 -1.81
NA NA H . 1.43 1.69 -2.44
NA NA B . 1.59 7.71 4.00
NA NA C . -6.85 -3.93 2.76
NA NA D . 10.20 -4.65 -2.14
NA NA E . -3.22 -10.28 2.34
NA NA F . -7.08 5.62 -0.76
NA NA G . 3.92 5.63 -1.94
NA NA H . 1.26 0.48 -2.66
NA NA B . 1.39 7.35 4.38
NA NA C . -9.04 -1.34 -2.27
NA NA D . 9.85 -4.50 -3.11
NA NA E . -3.71 -10.30 3.39
NA NA F . -7.03 7.24 1.39
NA NA G . 3.72 5.50 -1.60
NA NA H . 1.65 -0.16 -2.61
NA NA B . 0.12 9.34 1.33
NA NA C . -6.91 -3.65 2.93
NA NA D . 10.21 -5.48 -2.23
NA NA E . -3.11 -9.71 1.59
NA NA F . -6.96 1.86 -0.55
NA NA G . 4.90 5.35 -2.48
NA NA H . 1.86 1.28 -2.25
NA NA B . 1.73 8.12 3.07
NA NA C . -6.94 -3.75 2.96
NA NA D . 10.26 -4.92 -2.15
NA NA E . -3.16 -9.91 1.78
NA NA F . -6.73 6.09 -1.16
NA NA G . 4.09 5.15 -2.62
NA NA H . 1.19 1.01 -1.90
NA NA B . 1.61 7.69 3.56
NA NA C . -6.86 -3.78 2.97
NA NA D . 10.42 -4.51 -1.97
NA NA E . -3.19 -10.12 2.17
NA NA F . -4.50 3.86 -1.88
NA NA G . 4.35 5.48 -2.17
NA NA H . 0.98 0.92 -2.42
NA NA B . 1.45 7.78 3.48
NA NA C . -6.93 -3.88 3.21
NA NA D . 9.73 -4.77 -2.73
NA NA E . -3.08 -10.02 1.81
NA NA F . -6.56 5.81 -1.56
NA NA G . 4.52 5.42 -2.05
NA NA H . 1.13 0.95 -1.76
#